data_4JGE
#
_entry.id   4JGE
#
_cell.length_a   133.762
_cell.length_b   133.762
_cell.length_c   156.956
_cell.angle_alpha   90.000
_cell.angle_beta   90.000
_cell.angle_gamma   120.000
#
_symmetry.space_group_name_H-M   'P 64 2 2'
#
loop_
_entity.id
_entity.type
_entity.pdbx_description
1 polymer 'Red fluorescent protein blFP-R5'
2 non-polymer GLYCEROL
3 water water
#
_entity_poly.entity_id   1
_entity_poly.type   'polypeptide(L)'
_entity_poly.pdbx_seq_one_letter_code
;MHHHHHHGSPLPATHDLHISGSINGHEFDLEGSGKGNAKEGYQELHLKSNKGDLSFSPWILVPNI(CR2)FYQYLPFPDG
AMSPYQAAMHDGSGYVMHRSMQFEDGAMLHSDHRYIYKGNHIKGEFRLTGSGFPADGPVMTNSLTAADWCVDKLLYPNDN
TIIGKFDWTYTTTSGKRYQSDVQTNVTFGKPIAADILKKQPMFVFRKVELKHTKTELNFKQWQKAFQDIA
;
_entity_poly.pdbx_strand_id   A,B
#
loop_
_chem_comp.id
_chem_comp.type
_chem_comp.name
_chem_comp.formula
GOL non-polymer GLYCEROL 'C3 H8 O3'
#
# COMPACT_ATOMS: atom_id res chain seq x y z
N SER A 9 -3.49 22.55 25.54
CA SER A 9 -3.63 21.55 24.43
C SER A 9 -2.22 21.27 23.88
N PRO A 10 -1.30 20.77 24.71
CA PRO A 10 0.06 20.64 24.13
C PRO A 10 0.21 19.38 23.23
N LEU A 11 1.10 19.41 22.25
CA LEU A 11 1.49 18.19 21.53
C LEU A 11 2.23 17.30 22.47
N PRO A 12 2.26 16.01 22.18
CA PRO A 12 2.88 15.17 23.12
C PRO A 12 4.41 15.27 23.08
N ALA A 13 5.05 15.07 24.23
CA ALA A 13 6.52 15.01 24.34
C ALA A 13 7.05 13.68 24.83
N THR A 14 6.30 13.02 25.68
CA THR A 14 6.77 11.77 26.30
C THR A 14 5.61 10.75 26.29
N HIS A 15 5.94 9.44 26.37
CA HIS A 15 4.86 8.44 26.41
C HIS A 15 5.32 7.19 27.14
N ASP A 16 4.33 6.46 27.71
CA ASP A 16 4.57 5.20 28.39
C ASP A 16 3.71 4.18 27.62
N LEU A 17 4.07 2.90 27.72
CA LEU A 17 3.24 1.85 27.07
C LEU A 17 3.21 0.66 28.02
N HIS A 18 1.98 0.19 28.32
CA HIS A 18 1.79 -1.15 28.82
C HIS A 18 1.14 -1.99 27.68
N ILE A 19 1.79 -3.07 27.28
CA ILE A 19 1.29 -3.84 26.12
C ILE A 19 1.31 -5.28 26.57
N SER A 20 0.17 -5.96 26.47
CA SER A 20 0.16 -7.35 26.93
C SER A 20 -0.77 -8.14 26.03
N GLY A 21 -0.80 -9.44 26.24
CA GLY A 21 -1.69 -10.30 25.41
C GLY A 21 -1.02 -11.65 25.35
N SER A 22 -1.20 -12.33 24.22
CA SER A 22 -0.54 -13.63 24.00
C SER A 22 -0.16 -13.78 22.56
N ILE A 23 0.91 -14.58 22.35
CA ILE A 23 1.34 -15.06 21.04
C ILE A 23 1.33 -16.61 21.07
N ASN A 24 0.58 -17.26 20.17
CA ASN A 24 0.49 -18.71 20.16
C ASN A 24 0.13 -19.25 21.53
N GLY A 25 -0.70 -18.55 22.24
CA GLY A 25 -1.24 -19.03 23.51
C GLY A 25 -0.33 -18.67 24.71
N HIS A 26 0.84 -18.07 24.48
CA HIS A 26 1.78 -17.75 25.60
CA HIS A 26 1.81 -17.77 25.57
C HIS A 26 1.63 -16.29 25.96
N GLU A 27 1.32 -16.03 27.21
CA GLU A 27 1.07 -14.69 27.72
CA GLU A 27 1.07 -14.67 27.67
C GLU A 27 2.36 -13.84 27.80
N PHE A 28 2.26 -12.56 27.50
CA PHE A 28 3.47 -11.70 27.59
C PHE A 28 2.97 -10.39 28.11
N ASP A 29 3.88 -9.57 28.65
CA ASP A 29 3.45 -8.29 29.25
C ASP A 29 4.77 -7.47 29.28
N LEU A 30 4.71 -6.27 28.69
CA LEU A 30 5.86 -5.35 28.67
C LEU A 30 5.41 -4.00 29.08
N GLU A 31 6.29 -3.25 29.71
CA GLU A 31 6.06 -1.85 29.91
C GLU A 31 7.33 -1.01 29.80
N GLY A 32 7.19 0.26 29.52
CA GLY A 32 8.42 1.11 29.45
C GLY A 32 7.95 2.45 28.93
N SER A 33 8.91 3.32 28.69
CA SER A 33 8.54 4.67 28.34
C SER A 33 9.48 5.22 27.26
N GLY A 34 9.13 6.36 26.69
CA GLY A 34 9.94 6.92 25.61
C GLY A 34 9.57 8.36 25.43
N LYS A 35 9.91 8.90 24.25
CA LYS A 35 9.65 10.30 24.00
C LYS A 35 9.75 10.48 22.50
N GLY A 36 9.40 11.67 22.04
CA GLY A 36 9.52 11.94 20.63
C GLY A 36 9.26 13.39 20.36
N ASN A 37 9.23 13.73 19.06
CA ASN A 37 9.03 15.12 18.67
C ASN A 37 7.87 15.19 17.70
N ALA A 38 6.75 15.75 18.16
CA ALA A 38 5.47 15.68 17.46
C ALA A 38 5.44 16.68 16.29
N LYS A 39 6.50 17.55 16.20
CA LYS A 39 6.65 18.36 14.96
C LYS A 39 7.41 17.71 13.89
N GLU A 40 8.12 16.65 14.23
CA GLU A 40 8.94 15.95 13.27
C GLU A 40 8.53 14.54 12.96
N GLY A 41 7.63 13.95 13.80
CA GLY A 41 7.23 12.56 13.57
C GLY A 41 8.04 11.50 14.31
N TYR A 42 9.22 11.85 14.81
CA TYR A 42 10.08 10.83 15.37
C TYR A 42 9.62 10.44 16.79
N GLN A 43 9.72 9.16 17.13
CA GLN A 43 9.67 8.79 18.55
C GLN A 43 10.48 7.57 18.83
N GLU A 44 10.77 7.33 20.11
CA GLU A 44 11.49 6.18 20.47
C GLU A 44 10.91 5.61 21.78
N LEU A 45 11.17 4.35 22.07
CA LEU A 45 10.53 3.71 23.19
C LEU A 45 11.38 2.55 23.69
N HIS A 46 11.45 2.41 25.02
CA HIS A 46 12.15 1.29 25.62
C HIS A 46 11.03 0.37 26.27
N LEU A 47 11.13 -0.96 26.20
CA LEU A 47 10.15 -1.79 26.91
C LEU A 47 10.92 -2.90 27.59
N LYS A 48 10.38 -3.33 28.72
CA LYS A 48 10.98 -4.44 29.43
C LYS A 48 9.87 -5.47 29.82
N SER A 49 10.20 -6.75 29.68
CA SER A 49 9.20 -7.82 29.94
C SER A 49 8.97 -8.00 31.45
N ASN A 50 7.70 -8.15 31.81
CA ASN A 50 7.32 -8.44 33.22
C ASN A 50 7.10 -9.96 33.46
N LYS A 51 7.17 -10.77 32.42
CA LYS A 51 6.90 -12.22 32.50
C LYS A 51 8.05 -13.05 31.91
N GLY A 52 9.32 -12.73 32.21
CA GLY A 52 10.39 -13.57 31.69
C GLY A 52 10.73 -13.34 30.23
N ASP A 53 11.46 -14.30 29.66
CA ASP A 53 11.98 -14.23 28.29
C ASP A 53 10.79 -14.29 27.33
N LEU A 54 10.82 -13.50 26.24
CA LEU A 54 9.75 -13.59 25.22
C LEU A 54 9.98 -14.88 24.45
N SER A 55 8.92 -15.60 24.18
CA SER A 55 9.12 -16.83 23.37
C SER A 55 8.98 -16.60 21.83
N PHE A 56 8.93 -15.36 21.41
CA PHE A 56 8.72 -15.09 19.98
C PHE A 56 9.58 -13.85 19.62
N SER A 57 9.80 -13.61 18.32
CA SER A 57 10.52 -12.44 17.86
C SER A 57 9.89 -11.16 18.33
N PRO A 58 10.66 -10.33 19.06
CA PRO A 58 10.12 -9.04 19.45
C PRO A 58 9.75 -8.20 18.24
N TRP A 59 10.32 -8.51 17.06
CA TRP A 59 10.00 -7.68 15.88
C TRP A 59 8.45 -7.77 15.55
N ILE A 60 7.81 -8.84 16.03
CA ILE A 60 6.35 -9.03 15.64
C ILE A 60 5.48 -8.00 16.38
N LEU A 61 6.08 -7.32 17.39
CA LEU A 61 5.37 -6.26 18.16
C LEU A 61 5.44 -4.88 17.48
N VAL A 62 6.13 -4.86 16.33
CA VAL A 62 6.16 -3.70 15.42
C VAL A 62 5.29 -4.11 14.23
N PRO A 63 4.33 -3.29 13.83
CA PRO A 63 4.10 -1.85 14.13
C PRO A 63 3.42 -1.49 15.41
N ASN A 64 2.91 -2.49 16.16
CA ASN A 64 2.06 -2.14 17.28
C ASN A 64 2.67 -1.31 18.42
N ILE A 65 4.00 -1.37 18.66
CA ILE A 65 4.66 -0.54 19.73
C ILE A 65 4.76 0.89 19.22
N1 CR2 A 66 4.55 1.26 17.94
CA1 CR2 A 66 4.57 2.52 17.17
C1 CR2 A 66 3.46 2.58 16.17
N2 CR2 A 66 3.63 2.47 14.91
N3 CR2 A 66 2.15 2.65 16.57
C2 CR2 A 66 1.31 2.52 15.43
O2 CR2 A 66 0.13 2.51 15.51
CA2 CR2 A 66 2.34 2.43 14.34
CA3 CR2 A 66 1.62 2.72 17.95
C3 CR2 A 66 1.20 4.07 18.52
O3 CR2 A 66 0.26 4.10 19.34
CB2 CR2 A 66 2.09 2.34 13.03
CG2 CR2 A 66 3.09 2.16 11.98
CD1 CR2 A 66 4.38 1.68 12.25
CD2 CR2 A 66 2.59 2.11 10.66
CE1 CR2 A 66 5.14 1.42 11.09
CE2 CR2 A 66 3.33 1.81 9.52
CZ CR2 A 66 4.67 1.50 9.77
OH CR2 A 66 5.48 1.28 8.80
N PHE A 67 1.85 5.19 18.14
CA PHE A 67 1.48 6.52 18.75
C PHE A 67 1.50 7.58 17.72
N TYR A 68 0.45 7.62 16.89
CA TYR A 68 0.42 8.64 15.82
C TYR A 68 0.10 10.04 16.33
N GLN A 69 -0.13 10.18 17.62
CA GLN A 69 -0.13 11.58 18.19
C GLN A 69 1.24 12.26 17.95
N TYR A 70 2.31 11.48 17.68
CA TYR A 70 3.62 12.08 17.28
C TYR A 70 3.72 12.49 15.82
N LEU A 71 2.72 12.13 14.98
CA LEU A 71 2.74 12.41 13.56
C LEU A 71 2.01 13.77 13.29
N PRO A 72 2.75 14.78 12.75
CA PRO A 72 2.07 16.01 12.27
C PRO A 72 1.62 15.70 10.86
N PHE A 73 0.72 16.52 10.32
CA PHE A 73 0.41 16.43 8.90
C PHE A 73 1.24 17.47 8.10
N PRO A 74 1.07 17.50 6.78
CA PRO A 74 2.00 18.33 6.02
C PRO A 74 1.87 19.86 6.33
N ASP A 75 2.99 20.57 6.18
CA ASP A 75 3.03 22.06 6.41
C ASP A 75 2.65 22.46 7.81
N GLY A 76 3.07 21.68 8.80
CA GLY A 76 2.86 22.14 10.20
C GLY A 76 1.40 21.97 10.69
N ALA A 77 0.51 21.38 9.86
CA ALA A 77 -0.88 21.02 10.28
C ALA A 77 -0.93 19.94 11.35
N MET A 78 -1.93 20.00 12.25
CA MET A 78 -2.10 18.88 13.17
C MET A 78 -2.65 17.67 12.36
N SER A 79 -2.22 16.44 12.69
CA SER A 79 -2.87 15.29 12.10
C SER A 79 -4.21 15.10 12.84
N PRO A 80 -5.11 14.26 12.30
CA PRO A 80 -6.37 13.98 13.03
C PRO A 80 -6.07 13.37 14.39
N TYR A 81 -5.00 12.56 14.50
CA TYR A 81 -4.60 11.93 15.79
C TYR A 81 -4.23 13.02 16.82
N GLN A 82 -3.39 13.99 16.38
CA GLN A 82 -3.00 15.13 17.30
C GLN A 82 -4.21 15.99 17.62
N ALA A 83 -5.04 16.32 16.68
CA ALA A 83 -6.18 17.18 17.03
C ALA A 83 -7.13 16.44 17.99
N ALA A 84 -7.30 15.10 17.88
CA ALA A 84 -8.27 14.39 18.76
C ALA A 84 -7.78 14.32 20.21
N MET A 85 -6.47 14.40 20.34
CA MET A 85 -5.84 14.22 21.63
C MET A 85 -6.50 15.09 22.71
N HIS A 86 -6.81 16.33 22.44
CA HIS A 86 -7.50 17.04 23.56
C HIS A 86 -9.00 17.27 23.32
N ASP A 87 -9.52 16.55 22.34
CA ASP A 87 -10.87 16.81 21.86
C ASP A 87 -11.59 15.53 21.41
N GLY A 88 -11.88 14.68 22.36
CA GLY A 88 -12.61 13.47 22.08
C GLY A 88 -11.86 12.16 21.96
N GLY A 90 -10.56 12.22 21.78
CA GLY A 90 -9.75 11.04 21.68
C GLY A 90 -10.02 10.09 20.52
N TYR A 91 -9.35 8.98 20.51
CA TYR A 91 -9.56 7.99 19.50
C TYR A 91 -9.01 6.65 19.97
N VAL A 92 -9.47 5.59 19.33
CA VAL A 92 -8.93 4.26 19.65
C VAL A 92 -8.47 3.70 18.29
N MET A 93 -7.62 2.64 18.35
CA MET A 93 -7.32 1.96 17.09
C MET A 93 -7.57 0.46 17.26
N HIS A 94 -7.86 -0.16 16.10
CA HIS A 94 -8.08 -1.59 15.95
C HIS A 94 -7.27 -2.03 14.75
N ARG A 95 -6.28 -2.92 14.98
CA ARG A 95 -5.41 -3.25 13.89
C ARG A 95 -5.41 -4.73 13.67
N SER A 96 -5.37 -5.11 12.39
CA SER A 96 -5.35 -6.52 12.01
C SER A 96 -4.10 -6.81 11.15
N MET A 97 -3.30 -7.86 11.51
CA MET A 97 -2.20 -8.31 10.65
C MET A 97 -2.51 -9.72 10.20
N GLN A 98 -2.57 -9.95 8.90
CA GLN A 98 -2.98 -11.29 8.35
C GLN A 98 -1.68 -11.75 7.61
N PHE A 99 -0.97 -12.77 8.16
CA PHE A 99 0.40 -13.14 7.68
C PHE A 99 0.28 -14.17 6.58
N GLU A 100 1.28 -14.22 5.70
CA GLU A 100 1.23 -15.08 4.50
C GLU A 100 1.20 -16.57 4.94
N ASP A 101 1.62 -16.91 6.18
CA ASP A 101 1.68 -18.33 6.53
C ASP A 101 0.50 -18.71 7.45
N GLY A 102 -0.56 -17.87 7.50
CA GLY A 102 -1.79 -18.28 8.17
C GLY A 102 -1.92 -17.72 9.57
N ALA A 103 -0.86 -17.14 10.11
CA ALA A 103 -0.92 -16.52 11.45
C ALA A 103 -1.75 -15.20 11.37
N MET A 104 -2.22 -14.72 12.51
CA MET A 104 -3.00 -13.47 12.61
C MET A 104 -2.59 -12.80 13.86
N LEU A 105 -2.59 -11.48 13.83
CA LEU A 105 -2.31 -10.74 15.05
C LEU A 105 -3.22 -9.53 15.04
N HIS A 106 -4.09 -9.40 16.04
CA HIS A 106 -5.02 -8.19 16.19
CA HIS A 106 -4.98 -8.23 16.19
C HIS A 106 -4.60 -7.43 17.42
N SER A 107 -4.93 -6.14 17.40
CA SER A 107 -4.66 -5.32 18.59
C SER A 107 -5.71 -4.30 18.82
N ASP A 108 -5.87 -3.91 20.08
CA ASP A 108 -6.73 -2.83 20.51
CA ASP A 108 -6.75 -2.78 20.53
C ASP A 108 -5.81 -1.77 21.17
N HIS A 109 -5.95 -0.50 20.77
CA HIS A 109 -5.05 0.57 21.29
C HIS A 109 -5.91 1.64 21.95
N ARG A 110 -5.65 1.90 23.21
CA ARG A 110 -6.26 3.02 23.91
C ARG A 110 -5.24 3.87 24.69
N TYR A 111 -5.60 5.11 24.97
CA TYR A 111 -4.64 6.09 25.47
C TYR A 111 -5.34 6.92 26.56
N ILE A 112 -4.51 7.46 27.46
CA ILE A 112 -4.93 8.43 28.49
C ILE A 112 -3.86 9.53 28.35
N TYR A 113 -4.28 10.80 28.41
CA TYR A 113 -3.31 11.90 28.25
C TYR A 113 -3.15 12.61 29.60
N LYS A 114 -1.93 12.99 29.98
CA LYS A 114 -1.82 13.93 31.12
C LYS A 114 -0.90 15.03 30.64
N GLY A 115 -1.46 16.22 30.35
CA GLY A 115 -0.76 17.36 29.70
C GLY A 115 -0.06 16.82 28.45
N ASN A 116 1.28 16.87 28.39
CA ASN A 116 1.96 16.46 27.12
C ASN A 116 2.51 15.01 27.21
N HIS A 117 2.02 14.24 28.16
CA HIS A 117 2.43 12.85 28.28
C HIS A 117 1.28 11.91 27.87
N ILE A 118 1.62 10.85 27.13
CA ILE A 118 0.60 9.85 26.69
C ILE A 118 0.82 8.57 27.43
N LYS A 119 -0.27 7.95 27.98
CA LYS A 119 -0.07 6.58 28.49
C LYS A 119 -0.85 5.63 27.55
N GLY A 120 -0.15 4.65 26.95
CA GLY A 120 -0.85 3.70 26.06
C GLY A 120 -1.15 2.41 26.80
N GLU A 121 -2.31 1.82 26.49
CA GLU A 121 -2.60 0.48 27.03
C GLU A 121 -3.07 -0.32 25.80
N PHE A 122 -2.23 -1.26 25.37
CA PHE A 122 -2.49 -1.96 24.09
C PHE A 122 -2.67 -3.46 24.42
N ARG A 123 -3.62 -4.14 23.83
CA ARG A 123 -3.84 -5.55 24.06
C ARG A 123 -3.75 -6.28 22.73
N LEU A 124 -3.03 -7.38 22.71
CA LEU A 124 -2.74 -8.04 21.44
C LEU A 124 -3.03 -9.51 21.56
N THR A 125 -3.55 -10.11 20.50
CA THR A 125 -3.66 -11.58 20.42
C THR A 125 -3.08 -11.97 19.05
N GLY A 126 -2.00 -12.76 19.09
CA GLY A 126 -1.47 -13.34 17.88
C GLY A 126 -1.54 -14.87 17.96
N SER A 127 -1.75 -15.57 16.85
CA SER A 127 -1.91 -17.03 16.94
C SER A 127 -1.58 -17.58 15.60
N GLY A 128 -1.30 -18.89 15.59
CA GLY A 128 -1.11 -19.66 14.39
C GLY A 128 0.26 -19.42 13.77
N PHE A 129 1.22 -18.88 14.53
CA PHE A 129 2.61 -18.75 13.94
C PHE A 129 3.26 -20.18 13.88
N PRO A 130 3.67 -20.65 12.68
CA PRO A 130 4.29 -21.99 12.60
C PRO A 130 5.49 -22.09 13.50
N ALA A 131 5.72 -23.28 14.08
CA ALA A 131 6.80 -23.44 15.06
C ALA A 131 8.16 -23.24 14.34
N ASP A 132 8.26 -23.54 13.05
CA ASP A 132 9.50 -23.38 12.33
C ASP A 132 9.52 -22.05 11.52
N GLY A 133 8.53 -21.17 11.72
CA GLY A 133 8.50 -19.90 10.91
C GLY A 133 9.38 -18.88 11.63
N PRO A 134 9.48 -17.66 11.06
CA PRO A 134 10.56 -16.78 11.55
C PRO A 134 10.20 -16.03 12.79
N VAL A 135 8.89 -15.97 13.10
CA VAL A 135 8.48 -15.39 14.38
C VAL A 135 8.86 -16.29 15.56
N MET A 136 8.54 -17.58 15.44
CA MET A 136 8.79 -18.46 16.59
C MET A 136 10.28 -18.87 16.63
N THR A 137 11.01 -18.75 15.53
CA THR A 137 12.48 -19.01 15.52
C THR A 137 13.32 -17.73 15.74
N ASN A 138 12.68 -16.60 15.97
CA ASN A 138 13.37 -15.33 16.21
C ASN A 138 14.31 -15.10 15.04
N SER A 139 13.80 -15.19 13.79
CA SER A 139 14.67 -14.98 12.58
C SER A 139 14.32 -13.71 11.78
N LEU A 140 13.40 -12.89 12.28
CA LEU A 140 13.12 -11.60 11.66
C LEU A 140 14.33 -10.67 11.95
N THR A 141 14.81 -10.01 10.91
CA THR A 141 15.97 -9.14 11.11
C THR A 141 15.70 -7.65 11.02
N ALA A 142 14.65 -7.22 10.27
CA ALA A 142 14.36 -5.79 10.18
C ALA A 142 12.98 -5.71 9.50
N ALA A 143 12.37 -4.53 9.59
CA ALA A 143 11.10 -4.29 8.84
C ALA A 143 11.34 -3.34 7.69
N ASP A 144 10.79 -3.62 6.52
CA ASP A 144 11.01 -2.75 5.33
C ASP A 144 10.34 -1.42 5.60
N TRP A 145 10.90 -0.36 5.01
CA TRP A 145 10.28 0.91 5.00
C TRP A 145 8.88 0.78 4.35
N CYS A 146 8.00 1.71 4.69
CA CYS A 146 6.55 1.33 4.53
C CYS A 146 5.74 2.55 4.15
N VAL A 147 4.78 2.38 3.24
CA VAL A 147 3.87 3.48 2.97
C VAL A 147 2.44 3.11 3.42
N ASP A 148 1.83 3.92 4.25
CA ASP A 148 0.50 3.61 4.85
C ASP A 148 -0.47 4.51 4.02
N LYS A 149 -1.56 3.94 3.53
CA LYS A 149 -2.58 4.67 2.77
C LYS A 149 -3.82 4.86 3.64
N LEU A 150 -4.21 6.11 3.92
CA LEU A 150 -5.37 6.40 4.76
C LEU A 150 -6.57 6.96 3.95
N LEU A 151 -7.76 6.49 4.32
CA LEU A 151 -9.00 7.05 3.72
C LEU A 151 -9.93 7.28 4.87
N TYR A 152 -10.88 8.22 4.68
CA TYR A 152 -11.86 8.52 5.74
C TYR A 152 -13.29 8.29 5.14
N PRO A 153 -13.86 7.10 5.37
CA PRO A 153 -15.14 6.77 4.78
C PRO A 153 -16.28 7.59 5.47
N ASN A 154 -16.04 8.14 6.65
CA ASN A 154 -17.06 9.05 7.27
C ASN A 154 -16.28 10.02 8.18
N ASP A 155 -16.95 10.94 8.85
CA ASP A 155 -16.21 12.00 9.56
C ASP A 155 -15.60 11.56 10.89
N ASN A 156 -15.77 10.31 11.33
CA ASN A 156 -15.05 9.92 12.55
C ASN A 156 -14.19 8.65 12.45
N THR A 157 -13.82 8.25 11.21
CA THR A 157 -13.15 6.95 11.02
C THR A 157 -12.03 7.10 9.97
N ILE A 158 -10.86 6.53 10.32
CA ILE A 158 -9.85 6.28 9.33
C ILE A 158 -9.73 4.80 9.06
N ILE A 159 -9.70 4.46 7.78
CA ILE A 159 -9.44 3.08 7.44
C ILE A 159 -8.12 3.14 6.62
N GLY A 160 -7.10 2.49 7.16
CA GLY A 160 -5.76 2.58 6.65
C GLY A 160 -5.26 1.16 6.29
N LYS A 161 -4.35 1.08 5.32
CA LYS A 161 -3.83 -0.22 4.82
C LYS A 161 -2.33 -0.08 4.47
N PHE A 162 -1.60 -1.17 4.78
CA PHE A 162 -0.28 -1.30 4.17
C PHE A 162 0.07 -2.77 4.05
N ASP A 163 0.99 -3.02 3.14
CA ASP A 163 1.63 -4.31 3.03
C ASP A 163 2.91 -4.29 3.86
N TRP A 164 3.03 -5.22 4.82
CA TRP A 164 4.05 -5.14 5.84
C TRP A 164 5.01 -6.29 5.65
N THR A 165 6.33 -5.99 5.45
CA THR A 165 7.23 -7.09 5.16
C THR A 165 8.50 -6.95 6.05
N TYR A 166 8.93 -8.07 6.64
CA TYR A 166 10.24 -8.15 7.39
C TYR A 166 11.25 -8.81 6.47
N THR A 167 12.54 -8.43 6.59
CA THR A 167 13.58 -9.34 6.07
C THR A 167 13.91 -10.36 7.16
N THR A 168 14.48 -11.49 6.79
CA THR A 168 14.74 -12.56 7.73
C THR A 168 16.17 -13.08 7.50
N THR A 169 16.66 -13.89 8.45
CA THR A 169 18.04 -14.41 8.30
C THR A 169 18.13 -15.31 7.06
N SER A 170 17.07 -15.98 6.62
CA SER A 170 17.17 -16.82 5.40
C SER A 170 17.20 -16.09 4.06
N GLY A 171 16.91 -14.79 4.08
CA GLY A 171 16.84 -13.97 2.85
C GLY A 171 15.37 -13.87 2.36
N LYS A 172 14.47 -14.74 2.82
CA LYS A 172 13.09 -14.76 2.35
C LYS A 172 12.36 -13.69 3.19
N ARG A 173 11.65 -12.77 2.54
CA ARG A 173 10.87 -11.81 3.31
C ARG A 173 9.66 -12.50 4.00
N TYR A 174 9.08 -11.88 5.02
CA TYR A 174 7.90 -12.40 5.71
C TYR A 174 6.81 -11.36 5.65
N GLN A 175 5.70 -11.68 4.98
CA GLN A 175 4.71 -10.67 4.56
C GLN A 175 3.41 -10.77 5.39
N SER A 176 2.74 -9.64 5.50
CA SER A 176 1.34 -9.64 6.07
C SER A 176 0.49 -8.49 5.48
N ASP A 177 -0.85 -8.70 5.38
CA ASP A 177 -1.76 -7.58 5.03
C ASP A 177 -2.12 -6.90 6.32
N VAL A 178 -1.94 -5.61 6.39
CA VAL A 178 -2.26 -4.91 7.61
C VAL A 178 -3.36 -3.85 7.41
N GLN A 179 -4.42 -3.89 8.21
CA GLN A 179 -5.47 -2.89 8.09
C GLN A 179 -5.59 -2.31 9.48
N THR A 180 -5.72 -0.99 9.58
CA THR A 180 -5.88 -0.35 10.86
C THR A 180 -7.13 0.58 10.75
N ASN A 181 -8.09 0.36 11.64
CA ASN A 181 -9.30 1.21 11.64
C ASN A 181 -9.19 2.09 12.88
N VAL A 182 -9.29 3.40 12.71
CA VAL A 182 -9.13 4.30 13.83
C VAL A 182 -10.47 5.00 14.04
N THR A 183 -10.95 5.01 15.30
CA THR A 183 -12.28 5.51 15.51
C THR A 183 -12.20 6.69 16.49
N PHE A 184 -12.77 7.84 16.06
CA PHE A 184 -12.65 9.08 16.86
C PHE A 184 -13.89 9.40 17.66
N GLY A 185 -13.68 10.01 18.83
CA GLY A 185 -14.84 10.37 19.70
C GLY A 185 -15.54 11.63 19.17
N LYS A 186 -14.87 12.44 18.36
CA LYS A 186 -15.50 13.62 17.74
C LYS A 186 -15.13 13.65 16.30
N PRO A 187 -15.97 14.31 15.46
CA PRO A 187 -15.71 14.44 14.05
C PRO A 187 -14.30 14.98 13.78
N ILE A 188 -13.63 14.40 12.81
CA ILE A 188 -12.39 14.96 12.24
C ILE A 188 -12.78 16.27 11.49
N ALA A 189 -11.86 17.23 11.52
CA ALA A 189 -12.02 18.56 10.87
C ALA A 189 -12.29 18.39 9.36
N ALA A 190 -13.22 19.19 8.82
CA ALA A 190 -13.54 19.12 7.42
C ALA A 190 -12.35 19.25 6.47
N ASP A 191 -11.37 20.05 6.86
CA ASP A 191 -10.27 20.26 5.93
C ASP A 191 -9.31 19.07 5.92
N ILE A 192 -9.24 18.29 6.99
CA ILE A 192 -8.45 17.02 6.91
C ILE A 192 -9.23 16.06 6.04
N LEU A 193 -10.55 15.95 6.27
CA LEU A 193 -11.38 14.98 5.51
C LEU A 193 -11.36 15.17 4.02
N LYS A 194 -11.13 16.39 3.54
CA LYS A 194 -11.08 16.58 2.15
C LYS A 194 -9.78 16.15 1.48
N LYS A 195 -8.75 15.87 2.22
CA LYS A 195 -7.52 15.54 1.55
C LYS A 195 -7.32 14.00 1.64
N GLN A 196 -7.79 13.32 0.62
CA GLN A 196 -7.75 11.83 0.58
C GLN A 196 -7.34 11.36 -0.75
N PRO A 197 -6.64 10.23 -0.81
CA PRO A 197 -5.98 9.53 0.29
C PRO A 197 -4.85 10.41 0.89
N MET A 198 -4.52 10.12 2.12
CA MET A 198 -3.30 10.68 2.68
C MET A 198 -2.34 9.48 2.82
N PHE A 199 -1.05 9.67 2.55
CA PHE A 199 -0.07 8.56 2.71
C PHE A 199 0.87 8.93 3.81
N VAL A 200 1.48 7.90 4.44
CA VAL A 200 2.47 8.16 5.45
C VAL A 200 3.64 7.24 5.21
N PHE A 201 4.84 7.84 5.15
CA PHE A 201 6.06 7.06 4.90
C PHE A 201 6.72 6.82 6.28
N ARG A 202 7.07 5.58 6.62
CA ARG A 202 7.68 5.36 7.93
C ARG A 202 8.86 4.44 7.85
N LYS A 203 9.76 4.65 8.81
CA LYS A 203 10.96 3.83 8.95
C LYS A 203 11.02 3.39 10.38
N VAL A 204 11.40 2.14 10.64
CA VAL A 204 11.58 1.79 12.07
C VAL A 204 12.94 1.10 12.30
N GLU A 205 13.39 1.15 13.58
CA GLU A 205 14.55 0.31 14.01
C GLU A 205 14.16 -0.38 15.29
N LEU A 206 14.72 -1.58 15.53
CA LEU A 206 14.45 -2.21 16.79
C LEU A 206 15.71 -2.97 17.17
N LYS A 207 16.17 -2.75 18.39
CA LYS A 207 17.21 -3.61 19.00
C LYS A 207 16.54 -4.32 20.15
N HIS A 208 16.83 -5.59 20.29
CA HIS A 208 16.18 -6.36 21.29
C HIS A 208 17.01 -7.51 21.85
N THR A 209 16.57 -7.90 23.02
CA THR A 209 17.02 -9.08 23.75
C THR A 209 15.77 -9.89 24.06
N LYS A 210 15.92 -10.94 24.84
CA LYS A 210 14.80 -11.76 25.17
C LYS A 210 13.86 -11.05 26.11
N THR A 211 14.34 -10.02 26.76
CA THR A 211 13.53 -9.30 27.71
C THR A 211 13.39 -7.82 27.50
N GLU A 212 14.13 -7.23 26.56
CA GLU A 212 14.00 -5.79 26.42
C GLU A 212 13.94 -5.36 24.96
N LEU A 213 13.31 -4.21 24.71
CA LEU A 213 13.14 -3.71 23.30
C LEU A 213 13.53 -2.23 23.32
N ASN A 214 14.31 -1.79 22.33
CA ASN A 214 14.62 -0.38 22.16
C ASN A 214 14.28 -0.02 20.71
N PHE A 215 13.24 0.80 20.59
CA PHE A 215 12.50 0.98 19.33
C PHE A 215 12.65 2.42 18.92
N LYS A 216 12.80 2.67 17.60
CA LYS A 216 12.82 4.02 17.04
C LYS A 216 11.93 4.09 15.79
N GLN A 217 11.32 5.25 15.54
CA GLN A 217 10.46 5.33 14.35
C GLN A 217 10.56 6.74 13.84
N TRP A 218 10.63 6.83 12.49
CA TRP A 218 10.46 8.10 11.80
C TRP A 218 9.19 8.04 10.97
N GLN A 219 8.50 9.16 10.88
CA GLN A 219 7.24 9.15 10.16
C GLN A 219 7.09 10.43 9.42
N LYS A 220 6.55 10.39 8.17
CA LYS A 220 6.20 11.61 7.47
C LYS A 220 5.03 11.45 6.51
N ALA A 221 3.98 12.27 6.71
CA ALA A 221 2.77 12.28 5.92
C ALA A 221 3.00 12.97 4.59
N PHE A 222 2.33 12.50 3.52
CA PHE A 222 2.46 13.11 2.21
C PHE A 222 1.24 12.84 1.37
N GLN A 223 0.84 13.79 0.56
CA GLN A 223 -0.27 13.55 -0.30
C GLN A 223 0.23 13.28 -1.71
N ASP A 224 1.46 13.64 -2.00
CA ASP A 224 1.96 13.61 -3.38
C ASP A 224 3.47 13.56 -3.16
N ILE A 225 4.26 13.28 -4.18
CA ILE A 225 5.73 13.35 -3.91
C ILE A 225 6.44 14.60 -4.56
N SER B 9 18.85 -0.31 -26.35
CA SER B 9 18.71 0.94 -27.18
C SER B 9 17.81 2.11 -26.57
N PRO B 10 16.81 2.58 -27.36
CA PRO B 10 16.14 3.78 -26.89
C PRO B 10 15.05 3.49 -25.84
N LEU B 11 14.65 4.50 -25.11
CA LEU B 11 13.46 4.43 -24.33
C LEU B 11 12.27 4.53 -25.30
N PRO B 12 11.10 4.03 -24.94
CA PRO B 12 9.98 4.12 -25.83
C PRO B 12 9.47 5.55 -25.95
N ALA B 13 8.89 5.89 -27.11
CA ALA B 13 8.27 7.20 -27.29
C ALA B 13 6.82 7.08 -27.67
N THR B 14 6.43 5.97 -28.30
CA THR B 14 5.02 5.84 -28.76
C THR B 14 4.56 4.44 -28.49
N HIS B 15 3.23 4.22 -28.44
CA HIS B 15 2.75 2.85 -28.19
C HIS B 15 1.36 2.72 -28.77
N ASP B 16 0.94 1.47 -28.97
CA ASP B 16 -0.45 1.19 -29.29
C ASP B 16 -0.96 0.02 -28.47
N LEU B 17 -2.28 -0.18 -28.41
CA LEU B 17 -2.82 -1.21 -27.56
C LEU B 17 -4.03 -1.78 -28.24
N HIS B 18 -4.11 -3.12 -28.26
CA HIS B 18 -5.38 -3.80 -28.50
C HIS B 18 -5.76 -4.48 -27.20
N ILE B 19 -6.93 -4.17 -26.66
CA ILE B 19 -7.30 -4.76 -25.37
C ILE B 19 -8.68 -5.37 -25.55
N SER B 20 -8.83 -6.64 -25.13
CA SER B 20 -10.12 -7.27 -25.38
C SER B 20 -10.42 -8.21 -24.26
N GLY B 21 -11.64 -8.74 -24.24
CA GLY B 21 -11.95 -9.79 -23.18
C GLY B 21 -13.44 -9.66 -22.90
N SER B 22 -13.88 -9.88 -21.66
CA SER B 22 -15.29 -9.80 -21.37
C SER B 22 -15.46 -9.29 -19.96
N ILE B 23 -16.54 -8.55 -19.73
CA ILE B 23 -16.96 -8.10 -18.43
C ILE B 23 -18.40 -8.62 -18.17
N ASN B 24 -18.60 -9.35 -17.09
CA ASN B 24 -19.89 -9.98 -16.82
C ASN B 24 -20.37 -10.79 -18.04
N GLY B 25 -19.43 -11.40 -18.77
CA GLY B 25 -19.84 -12.33 -19.84
C GLY B 25 -20.05 -11.59 -21.17
N HIS B 26 -19.98 -10.26 -21.19
CA HIS B 26 -20.20 -9.49 -22.48
C HIS B 26 -18.81 -9.13 -23.05
N GLU B 27 -18.55 -9.55 -24.31
CA GLU B 27 -17.27 -9.26 -24.97
C GLU B 27 -17.05 -7.78 -25.27
N PHE B 28 -15.78 -7.34 -25.18
CA PHE B 28 -15.51 -5.93 -25.60
C PHE B 28 -14.18 -6.01 -26.32
N ASP B 29 -13.85 -4.99 -27.13
CA ASP B 29 -12.59 -5.03 -27.84
C ASP B 29 -12.25 -3.54 -28.21
N LEU B 30 -11.10 -3.03 -27.75
CA LEU B 30 -10.76 -1.63 -28.11
C LEU B 30 -9.35 -1.59 -28.69
N GLU B 31 -9.05 -0.55 -29.48
CA GLU B 31 -7.68 -0.44 -29.92
C GLU B 31 -7.37 1.06 -30.08
N GLY B 32 -6.10 1.41 -30.06
CA GLY B 32 -5.77 2.82 -30.32
C GLY B 32 -4.33 3.02 -30.01
N SER B 33 -3.87 4.27 -30.08
CA SER B 33 -2.44 4.49 -29.93
C SER B 33 -2.20 5.74 -29.09
N GLY B 34 -0.98 5.88 -28.63
CA GLY B 34 -0.68 7.03 -27.76
C GLY B 34 0.84 7.29 -27.78
N LYS B 35 1.34 8.03 -26.76
CA LYS B 35 2.74 8.27 -26.73
C LYS B 35 3.09 8.72 -25.30
N GLY B 36 4.39 8.91 -25.05
CA GLY B 36 4.73 9.35 -23.74
C GLY B 36 6.18 9.79 -23.66
N ASN B 37 6.56 10.12 -22.44
CA ASN B 37 7.95 10.57 -22.22
C ASN B 37 8.53 9.75 -21.16
N ALA B 38 9.46 8.88 -21.56
CA ALA B 38 9.95 7.83 -20.69
C ALA B 38 10.96 8.32 -19.68
N LYS B 39 11.43 9.54 -19.87
CA LYS B 39 12.23 10.14 -18.77
C LYS B 39 11.31 10.77 -17.70
N GLU B 40 10.13 11.29 -18.11
CA GLU B 40 9.26 11.98 -17.15
C GLU B 40 8.29 10.91 -16.49
N GLY B 41 8.05 9.75 -17.12
CA GLY B 41 7.07 8.79 -16.50
C GLY B 41 5.64 9.00 -17.09
N TYR B 42 5.46 9.99 -18.03
CA TYR B 42 4.16 10.37 -18.47
C TYR B 42 3.79 9.58 -19.75
N GLN B 43 2.54 9.15 -19.86
CA GLN B 43 2.05 8.66 -21.20
C GLN B 43 0.63 8.97 -21.37
N GLU B 44 0.12 8.87 -22.60
CA GLU B 44 -1.32 9.11 -22.80
C GLU B 44 -1.74 8.14 -23.90
N LEU B 45 -3.05 7.86 -23.96
CA LEU B 45 -3.48 6.83 -24.88
C LEU B 45 -4.89 7.11 -25.29
N HIS B 46 -5.18 6.95 -26.57
CA HIS B 46 -6.57 6.96 -27.07
C HIS B 46 -7.02 5.54 -27.43
N LEU B 47 -8.27 5.17 -27.08
CA LEU B 47 -8.85 3.84 -27.47
C LEU B 47 -10.22 4.05 -28.08
N LYS B 48 -10.55 3.21 -29.05
CA LYS B 48 -11.90 3.27 -29.60
C LYS B 48 -12.45 1.85 -29.67
N SER B 49 -13.74 1.69 -29.38
CA SER B 49 -14.35 0.35 -29.34
C SER B 49 -14.58 -0.22 -30.74
N ASN B 50 -14.20 -1.52 -30.93
CA ASN B 50 -14.58 -2.26 -32.12
C ASN B 50 -15.90 -3.00 -32.00
N LYS B 51 -16.57 -3.02 -30.86
CA LYS B 51 -17.77 -3.86 -30.70
C LYS B 51 -18.90 -3.02 -30.12
N GLY B 52 -19.07 -1.79 -30.60
CA GLY B 52 -20.18 -0.95 -30.16
C GLY B 52 -19.95 -0.35 -28.75
N ASP B 53 -21.05 0.05 -28.13
CA ASP B 53 -21.00 0.78 -26.85
C ASP B 53 -20.50 -0.14 -25.75
N LEU B 54 -19.62 0.36 -24.87
CA LEU B 54 -19.24 -0.42 -23.70
C LEU B 54 -20.42 -0.55 -22.77
N SER B 55 -20.64 -1.71 -22.18
CA SER B 55 -21.80 -1.77 -21.30
C SER B 55 -21.33 -1.55 -19.88
N PHE B 56 -20.10 -1.17 -19.64
CA PHE B 56 -19.61 -0.98 -18.30
C PHE B 56 -18.76 0.29 -18.16
N SER B 57 -18.54 0.73 -16.94
CA SER B 57 -17.66 1.95 -16.79
C SER B 57 -16.24 1.79 -17.48
N PRO B 58 -15.85 2.74 -18.40
CA PRO B 58 -14.50 2.68 -18.96
C PRO B 58 -13.46 2.81 -17.87
N TRP B 59 -13.81 3.42 -16.73
CA TRP B 59 -12.82 3.55 -15.65
C TRP B 59 -12.33 2.14 -15.12
N ILE B 60 -13.12 1.07 -15.31
CA ILE B 60 -12.66 -0.23 -14.77
C ILE B 60 -11.48 -0.76 -15.63
N LEU B 61 -11.19 -0.14 -16.82
CA LEU B 61 -10.05 -0.52 -17.68
C LEU B 61 -8.77 0.16 -17.21
N VAL B 62 -8.84 0.97 -16.12
CA VAL B 62 -7.64 1.56 -15.50
C VAL B 62 -7.54 0.79 -14.15
N PRO B 63 -6.36 0.27 -13.81
CA PRO B 63 -4.99 0.50 -14.33
C PRO B 63 -4.59 -0.23 -15.59
N ASN B 64 -5.43 -1.17 -16.09
CA ASN B 64 -4.97 -2.00 -17.18
C ASN B 64 -4.53 -1.35 -18.51
N ILE B 65 -5.02 -0.17 -18.86
CA ILE B 65 -4.70 0.50 -20.15
C ILE B 65 -3.40 1.23 -19.92
N1 CR2 B 66 -2.84 1.41 -18.72
CA1 CR2 B 66 -1.65 2.04 -18.17
C1 CR2 B 66 -1.04 1.21 -17.08
N2 CR2 B 66 -1.03 1.54 -15.83
N3 CR2 B 66 -0.51 -0.05 -17.33
C2 CR2 B 66 -0.21 -0.64 -16.12
O2 CR2 B 66 0.24 -1.69 -15.86
CA2 CR2 B 66 -0.51 0.45 -15.13
CA3 CR2 B 66 -0.38 -0.78 -18.54
C3 CR2 B 66 0.93 -0.80 -19.29
O3 CR2 B 66 1.22 -1.76 -20.00
CB2 CR2 B 66 -0.35 0.39 -13.82
CG2 CR2 B 66 -0.78 1.41 -12.86
CD1 CR2 B 66 -1.75 2.38 -13.15
CD2 CR2 B 66 -0.43 1.15 -11.52
CE1 CR2 B 66 -2.17 3.23 -12.10
CE2 CR2 B 66 -0.91 1.94 -10.49
CZ CR2 B 66 -1.77 3.01 -10.78
OH CR2 B 66 -2.12 3.84 -9.84
N PHE B 67 1.71 0.09 -19.18
CA PHE B 67 2.94 0.33 -19.95
C PHE B 67 4.11 0.91 -19.14
N TYR B 68 4.65 0.14 -18.22
CA TYR B 68 5.70 0.59 -17.36
C TYR B 68 7.07 0.76 -18.04
N GLN B 69 7.15 0.46 -19.32
CA GLN B 69 8.35 0.84 -20.12
C GLN B 69 8.47 2.38 -20.14
N TYR B 70 7.40 3.11 -19.87
CA TYR B 70 7.55 4.58 -19.76
C TYR B 70 7.99 5.07 -18.38
N LEU B 71 8.11 4.14 -17.43
CA LEU B 71 8.47 4.48 -16.08
C LEU B 71 10.00 4.33 -15.89
N PRO B 72 10.69 5.46 -15.57
CA PRO B 72 12.12 5.33 -15.22
C PRO B 72 12.22 5.02 -13.73
N PHE B 73 13.38 4.55 -13.30
CA PHE B 73 13.68 4.48 -11.89
C PHE B 73 14.41 5.77 -11.43
N PRO B 74 14.70 5.89 -10.13
CA PRO B 74 15.18 7.18 -9.65
C PRO B 74 16.48 7.62 -10.30
N ASP B 75 16.62 8.94 -10.41
CA ASP B 75 17.85 9.52 -10.96
C ASP B 75 18.12 9.02 -12.33
N GLY B 76 17.07 8.92 -13.14
CA GLY B 76 17.27 8.57 -14.59
C GLY B 76 17.69 7.13 -14.84
N ALA B 77 17.71 6.28 -13.80
CA ALA B 77 18.08 4.82 -14.00
C ALA B 77 17.01 4.12 -14.83
N MET B 78 17.40 3.07 -15.55
CA MET B 78 16.42 2.28 -16.30
C MET B 78 15.59 1.53 -15.24
N SER B 79 14.26 1.59 -15.35
CA SER B 79 13.46 0.65 -14.51
C SER B 79 13.68 -0.80 -15.06
N PRO B 80 13.32 -1.84 -14.31
CA PRO B 80 13.50 -3.19 -14.84
C PRO B 80 12.68 -3.37 -16.08
N TYR B 81 11.52 -2.67 -16.18
CA TYR B 81 10.66 -2.76 -17.37
C TYR B 81 11.41 -2.18 -18.57
N GLN B 82 12.05 -1.02 -18.39
CA GLN B 82 12.82 -0.41 -19.52
C GLN B 82 14.01 -1.26 -19.95
N ALA B 83 14.70 -1.83 -19.00
CA ALA B 83 15.92 -2.60 -19.36
C ALA B 83 15.51 -3.88 -20.09
N ALA B 84 14.37 -4.49 -19.70
CA ALA B 84 13.94 -5.78 -20.30
C ALA B 84 13.49 -5.59 -21.72
N MET B 85 13.02 -4.38 -22.01
CA MET B 85 12.49 -4.07 -23.32
C MET B 85 13.43 -4.50 -24.45
N HIS B 86 14.73 -4.38 -24.35
CA HIS B 86 15.48 -4.96 -25.47
C HIS B 86 16.36 -6.13 -25.06
N ASP B 87 16.04 -6.71 -23.92
CA ASP B 87 16.78 -7.81 -23.39
C ASP B 87 15.90 -8.82 -22.69
N GLY B 88 15.19 -9.65 -23.41
CA GLY B 88 14.40 -10.67 -22.78
C GLY B 88 12.92 -10.43 -22.57
N GLY B 90 12.49 -9.19 -22.48
CA GLY B 90 11.10 -8.84 -22.36
C GLY B 90 10.47 -9.23 -21.02
N TYR B 91 9.17 -9.06 -20.92
CA TYR B 91 8.42 -9.45 -19.73
C TYR B 91 6.92 -9.53 -20.01
N VAL B 92 6.20 -10.21 -19.14
CA VAL B 92 4.74 -10.19 -19.19
C VAL B 92 4.25 -9.76 -17.84
N MET B 93 2.99 -9.33 -17.76
CA MET B 93 2.39 -9.10 -16.47
C MET B 93 1.06 -9.92 -16.38
N HIS B 94 0.73 -10.18 -15.16
CA HIS B 94 -0.51 -10.89 -14.76
C HIS B 94 -1.04 -10.10 -13.62
N ARG B 95 -2.21 -9.50 -13.80
CA ARG B 95 -2.69 -8.66 -12.65
C ARG B 95 -4.09 -9.21 -12.19
N SER B 96 -4.35 -9.07 -10.91
CA SER B 96 -5.59 -9.45 -10.32
C SER B 96 -6.18 -8.24 -9.59
N MET B 97 -7.46 -7.95 -9.78
CA MET B 97 -8.17 -6.90 -9.01
C MET B 97 -9.30 -7.62 -8.31
N GLN B 98 -9.36 -7.57 -6.99
CA GLN B 98 -10.43 -8.25 -6.26
C GLN B 98 -11.21 -7.14 -5.58
N PHE B 99 -12.46 -6.96 -6.03
CA PHE B 99 -13.21 -5.79 -5.59
C PHE B 99 -14.03 -6.08 -4.34
N GLU B 100 -14.40 -4.99 -3.65
CA GLU B 100 -15.00 -5.18 -2.31
C GLU B 100 -16.41 -5.84 -2.41
N ASP B 101 -17.07 -5.75 -3.60
CA ASP B 101 -18.48 -6.23 -3.71
C ASP B 101 -18.46 -7.62 -4.39
N GLY B 102 -17.27 -8.24 -4.49
CA GLY B 102 -17.23 -9.70 -4.92
C GLY B 102 -16.83 -9.81 -6.36
N ALA B 103 -16.77 -8.67 -7.10
CA ALA B 103 -16.35 -8.75 -8.47
C ALA B 103 -14.83 -9.13 -8.53
N MET B 104 -14.38 -9.62 -9.66
CA MET B 104 -12.96 -9.90 -9.91
C MET B 104 -12.57 -9.52 -11.33
N LEU B 105 -11.36 -9.04 -11.54
CA LEU B 105 -10.96 -8.75 -12.91
C LEU B 105 -9.45 -9.15 -13.01
N HIS B 106 -9.11 -10.13 -13.88
N HIS B 106 -9.12 -9.99 -13.97
CA HIS B 106 -7.69 -10.50 -14.14
CA HIS B 106 -7.72 -10.29 -14.06
C HIS B 106 -7.27 -10.06 -15.50
C HIS B 106 -7.28 -10.04 -15.48
N SER B 107 -5.98 -9.84 -15.69
CA SER B 107 -5.53 -9.49 -17.04
C SER B 107 -4.15 -10.11 -17.31
N ASP B 108 -3.90 -10.41 -18.62
CA ASP B 108 -2.54 -10.83 -19.09
C ASP B 108 -2.06 -9.73 -20.01
N HIS B 109 -0.77 -9.38 -19.89
CA HIS B 109 -0.23 -8.23 -20.63
C HIS B 109 0.97 -8.73 -21.37
N ARG B 110 0.95 -8.55 -22.68
CA ARG B 110 2.08 -8.96 -23.52
C ARG B 110 2.45 -7.81 -24.47
N TYR B 111 3.70 -7.77 -24.97
CA TYR B 111 4.17 -6.64 -25.78
C TYR B 111 5.10 -7.10 -26.87
N ILE B 112 5.20 -6.30 -27.94
CA ILE B 112 6.10 -6.48 -29.05
C ILE B 112 6.66 -5.07 -29.27
N TYR B 113 7.96 -4.98 -29.56
CA TYR B 113 8.64 -3.68 -29.65
C TYR B 113 9.09 -3.57 -31.11
N LYS B 114 9.04 -2.38 -31.67
CA LYS B 114 9.68 -2.20 -32.97
C LYS B 114 10.41 -0.84 -32.77
N GLY B 115 11.74 -0.88 -32.58
CA GLY B 115 12.49 0.28 -32.19
C GLY B 115 11.90 0.98 -30.95
N ASN B 116 11.55 2.27 -31.01
CA ASN B 116 11.09 2.94 -29.80
C ASN B 116 9.50 2.91 -29.68
N HIS B 117 8.89 1.97 -30.41
CA HIS B 117 7.40 1.81 -30.44
C HIS B 117 7.04 0.48 -29.77
N ILE B 118 6.03 0.53 -28.88
CA ILE B 118 5.55 -0.63 -28.10
C ILE B 118 4.18 -1.01 -28.61
N LYS B 119 3.97 -2.27 -28.94
CA LYS B 119 2.57 -2.71 -29.26
C LYS B 119 2.10 -3.61 -28.10
N GLY B 120 1.01 -3.22 -27.43
CA GLY B 120 0.52 -4.09 -26.33
C GLY B 120 -0.66 -4.94 -26.80
N GLU B 121 -0.82 -6.14 -26.22
CA GLU B 121 -1.98 -7.03 -26.56
C GLU B 121 -2.39 -7.50 -25.15
N PHE B 122 -3.49 -6.95 -24.64
CA PHE B 122 -3.91 -7.28 -23.25
C PHE B 122 -5.24 -8.04 -23.31
N ARG B 123 -5.41 -9.04 -22.49
CA ARG B 123 -6.62 -9.80 -22.42
C ARG B 123 -7.12 -9.78 -20.99
N LEU B 124 -8.41 -9.56 -20.82
CA LEU B 124 -9.00 -9.30 -19.50
C LEU B 124 -10.26 -10.15 -19.37
N THR B 125 -10.52 -10.62 -18.17
CA THR B 125 -11.83 -11.24 -17.83
C THR B 125 -12.23 -10.64 -16.52
N GLY B 126 -13.40 -9.99 -16.53
CA GLY B 126 -13.95 -9.41 -15.28
C GLY B 126 -15.38 -10.02 -15.13
N SER B 127 -15.77 -10.32 -13.88
CA SER B 127 -17.08 -10.97 -13.65
C SER B 127 -17.56 -10.66 -12.30
N GLY B 128 -18.87 -10.87 -12.09
CA GLY B 128 -19.41 -10.67 -10.74
C GLY B 128 -19.66 -9.20 -10.36
N PHE B 129 -19.63 -8.30 -11.34
CA PHE B 129 -20.00 -6.89 -10.95
C PHE B 129 -21.55 -6.76 -10.73
N PRO B 130 -22.00 -6.34 -9.55
CA PRO B 130 -23.46 -6.28 -9.29
C PRO B 130 -24.12 -5.36 -10.35
N ALA B 131 -25.31 -5.70 -10.80
CA ALA B 131 -26.03 -4.88 -11.75
C ALA B 131 -26.23 -3.45 -11.28
N ASP B 132 -26.39 -3.27 -9.99
CA ASP B 132 -26.61 -1.88 -9.49
C ASP B 132 -25.34 -1.35 -8.85
N GLY B 133 -24.19 -1.97 -9.14
CA GLY B 133 -23.00 -1.41 -8.51
C GLY B 133 -22.42 -0.37 -9.45
N PRO B 134 -21.28 0.23 -9.09
CA PRO B 134 -20.86 1.49 -9.79
C PRO B 134 -20.20 1.21 -11.09
N VAL B 135 -19.74 -0.06 -11.35
CA VAL B 135 -19.15 -0.34 -12.64
C VAL B 135 -20.25 -0.52 -13.69
N MET B 136 -21.29 -1.28 -13.35
CA MET B 136 -22.25 -1.57 -14.39
C MET B 136 -23.24 -0.37 -14.56
N THR B 137 -23.28 0.59 -13.62
CA THR B 137 -24.12 1.82 -13.77
C THR B 137 -23.35 3.05 -14.26
N ASN B 138 -22.08 2.88 -14.65
CA ASN B 138 -21.28 4.00 -15.06
C ASN B 138 -21.20 5.10 -14.01
N SER B 139 -20.95 4.71 -12.72
CA SER B 139 -20.91 5.68 -11.69
C SER B 139 -19.53 5.93 -11.09
N LEU B 140 -18.50 5.30 -11.67
CA LEU B 140 -17.12 5.62 -11.18
C LEU B 140 -16.82 7.06 -11.72
N THR B 141 -16.21 7.90 -10.85
CA THR B 141 -15.90 9.27 -11.34
C THR B 141 -14.42 9.56 -11.50
N ALA B 142 -13.51 8.89 -10.76
CA ALA B 142 -12.04 9.20 -10.86
C ALA B 142 -11.36 8.06 -10.09
N ALA B 143 -10.07 7.85 -10.32
CA ALA B 143 -9.26 6.90 -9.53
C ALA B 143 -8.39 7.76 -8.59
N ASP B 144 -8.31 7.37 -7.32
CA ASP B 144 -7.48 8.05 -6.36
C ASP B 144 -6.01 7.89 -6.77
N TRP B 145 -5.20 8.89 -6.43
CA TRP B 145 -3.76 8.80 -6.59
C TRP B 145 -3.30 7.60 -5.77
N CYS B 146 -2.17 7.04 -6.12
CA CYS B 146 -1.95 5.63 -5.71
C CYS B 146 -0.45 5.40 -5.50
N VAL B 147 -0.08 4.61 -4.48
CA VAL B 147 1.34 4.23 -4.32
C VAL B 147 1.39 2.69 -4.52
N ASP B 148 2.19 2.26 -5.46
CA ASP B 148 2.42 0.86 -5.80
C ASP B 148 3.66 0.43 -5.01
N LYS B 149 3.61 -0.72 -4.32
CA LYS B 149 4.83 -1.25 -3.61
C LYS B 149 5.36 -2.45 -4.34
N LEU B 150 6.64 -2.41 -4.73
CA LEU B 150 7.24 -3.51 -5.53
C LEU B 150 8.28 -4.25 -4.68
N LEU B 151 8.27 -5.59 -4.74
CA LEU B 151 9.34 -6.41 -4.22
C LEU B 151 9.78 -7.43 -5.29
N TYR B 152 11.00 -7.98 -5.12
CA TYR B 152 11.52 -8.91 -6.14
C TYR B 152 11.89 -10.17 -5.35
N PRO B 153 11.00 -11.16 -5.30
CA PRO B 153 11.31 -12.32 -4.44
C PRO B 153 12.37 -13.25 -5.09
N ASN B 154 12.67 -13.07 -6.34
CA ASN B 154 13.78 -13.75 -7.02
C ASN B 154 14.24 -12.85 -8.18
N ASP B 155 15.22 -13.29 -8.98
CA ASP B 155 15.88 -12.40 -9.94
C ASP B 155 15.08 -12.12 -11.18
N ASN B 156 13.92 -12.78 -11.31
CA ASN B 156 13.17 -12.52 -12.55
C ASN B 156 11.67 -12.16 -12.37
N THR B 157 11.33 -11.74 -11.15
CA THR B 157 9.93 -11.60 -10.80
C THR B 157 9.74 -10.35 -9.95
N ILE B 158 8.81 -9.50 -10.36
CA ILE B 158 8.33 -8.48 -9.44
C ILE B 158 6.92 -8.88 -8.90
N ILE B 159 6.74 -8.81 -7.59
CA ILE B 159 5.41 -8.98 -6.97
C ILE B 159 5.07 -7.56 -6.45
N GLY B 160 4.00 -6.95 -7.01
CA GLY B 160 3.65 -5.58 -6.57
C GLY B 160 2.19 -5.52 -6.12
N LYS B 161 1.86 -4.57 -5.28
CA LYS B 161 0.54 -4.48 -4.69
C LYS B 161 0.11 -3.04 -4.46
N PHE B 162 -1.17 -2.78 -4.62
CA PHE B 162 -1.68 -1.49 -4.14
C PHE B 162 -3.16 -1.67 -3.84
N ASP B 163 -3.63 -0.80 -2.97
CA ASP B 163 -5.04 -0.63 -2.69
C ASP B 163 -5.61 0.40 -3.71
N TRP B 164 -6.61 -0.01 -4.51
CA TRP B 164 -7.02 0.79 -5.64
C TRP B 164 -8.46 1.30 -5.34
N THR B 165 -8.69 2.64 -5.37
CA THR B 165 -10.02 3.13 -4.99
C THR B 165 -10.46 4.17 -6.02
N TYR B 166 -11.75 4.09 -6.39
CA TYR B 166 -12.32 5.09 -7.31
C TYR B 166 -13.24 5.91 -6.43
N THR B 167 -13.44 7.21 -6.78
CA THR B 167 -14.56 7.88 -6.19
C THR B 167 -15.77 7.58 -7.10
N THR B 168 -16.98 7.80 -6.61
CA THR B 168 -18.16 7.45 -7.40
C THR B 168 -19.22 8.58 -7.24
N THR B 169 -20.26 8.52 -8.05
CA THR B 169 -21.30 9.58 -7.98
C THR B 169 -22.03 9.54 -6.67
N SER B 170 -22.08 8.42 -5.94
CA SER B 170 -22.85 8.46 -4.69
C SER B 170 -22.01 9.06 -3.59
N GLY B 171 -20.72 9.27 -3.85
CA GLY B 171 -19.87 9.73 -2.75
C GLY B 171 -19.18 8.60 -2.00
N LYS B 172 -19.64 7.37 -2.17
CA LYS B 172 -18.90 6.23 -1.55
C LYS B 172 -17.75 5.78 -2.50
N ARG B 173 -16.55 5.46 -1.97
CA ARG B 173 -15.48 5.00 -2.82
C ARG B 173 -15.71 3.53 -3.19
N TYR B 174 -15.03 3.08 -4.24
CA TYR B 174 -15.22 1.70 -4.67
C TYR B 174 -13.81 1.11 -4.67
N GLN B 175 -13.61 0.12 -3.82
CA GLN B 175 -12.24 -0.35 -3.47
C GLN B 175 -11.90 -1.74 -4.05
N SER B 176 -10.60 -1.98 -4.38
CA SER B 176 -10.14 -3.35 -4.70
C SER B 176 -8.69 -3.51 -4.27
N ASP B 177 -8.33 -4.76 -4.00
CA ASP B 177 -7.00 -5.15 -3.67
C ASP B 177 -6.37 -5.49 -5.02
N VAL B 178 -5.19 -4.99 -5.33
CA VAL B 178 -4.70 -5.24 -6.70
C VAL B 178 -3.29 -5.82 -6.56
N GLN B 179 -3.04 -6.98 -7.20
CA GLN B 179 -1.71 -7.57 -7.08
C GLN B 179 -1.26 -7.71 -8.53
N THR B 180 0.02 -7.39 -8.80
CA THR B 180 0.51 -7.53 -10.20
C THR B 180 1.85 -8.29 -10.14
N ASN B 181 1.90 -9.41 -10.84
CA ASN B 181 3.10 -10.27 -10.89
C ASN B 181 3.69 -10.05 -12.25
N VAL B 182 5.00 -9.68 -12.32
CA VAL B 182 5.58 -9.35 -13.60
C VAL B 182 6.74 -10.38 -13.79
N THR B 183 6.78 -11.06 -14.91
CA THR B 183 7.73 -12.16 -15.09
C THR B 183 8.65 -11.85 -16.22
N PHE B 184 9.95 -11.87 -15.94
CA PHE B 184 10.93 -11.36 -16.95
C PHE B 184 11.61 -12.52 -17.68
N GLY B 185 11.90 -12.31 -18.95
CA GLY B 185 12.58 -13.37 -19.77
C GLY B 185 14.06 -13.54 -19.37
N LYS B 186 14.72 -12.51 -18.85
CA LYS B 186 16.13 -12.59 -18.35
C LYS B 186 16.19 -11.97 -16.98
N PRO B 187 17.23 -12.27 -16.19
CA PRO B 187 17.36 -11.68 -14.83
C PRO B 187 17.40 -10.16 -14.77
N ILE B 188 16.79 -9.62 -13.74
CA ILE B 188 16.82 -8.21 -13.45
C ILE B 188 18.24 -7.90 -12.92
N ALA B 189 18.74 -6.72 -13.18
CA ALA B 189 20.13 -6.38 -12.81
C ALA B 189 20.28 -6.41 -11.33
N ALA B 190 21.44 -6.90 -10.87
CA ALA B 190 21.69 -6.95 -9.46
C ALA B 190 21.52 -5.60 -8.78
N ASP B 191 21.81 -4.52 -9.47
CA ASP B 191 21.72 -3.30 -8.65
C ASP B 191 20.26 -2.84 -8.47
N ILE B 192 19.42 -3.23 -9.40
CA ILE B 192 17.97 -3.01 -9.13
C ILE B 192 17.49 -3.91 -8.03
N LEU B 193 17.85 -5.20 -8.06
CA LEU B 193 17.37 -6.15 -7.04
C LEU B 193 17.73 -5.77 -5.61
N LYS B 194 18.82 -4.99 -5.41
CA LYS B 194 19.19 -4.80 -4.03
C LYS B 194 18.40 -3.61 -3.44
N LYS B 195 17.66 -2.84 -4.23
CA LYS B 195 16.92 -1.73 -3.67
C LYS B 195 15.39 -2.05 -3.55
N GLN B 196 15.01 -2.58 -2.38
CA GLN B 196 13.63 -3.00 -2.10
C GLN B 196 13.27 -2.49 -0.75
N PRO B 197 11.97 -2.19 -0.53
CA PRO B 197 10.98 -2.13 -1.61
C PRO B 197 11.22 -0.89 -2.49
N MET B 198 10.64 -0.87 -3.69
CA MET B 198 10.61 0.35 -4.52
C MET B 198 9.13 0.73 -4.53
N PHE B 199 8.82 2.02 -4.37
CA PHE B 199 7.44 2.47 -4.54
C PHE B 199 7.28 3.29 -5.77
N VAL B 200 6.05 3.40 -6.27
CA VAL B 200 5.84 4.28 -7.43
C VAL B 200 4.55 5.07 -7.17
N PHE B 201 4.65 6.40 -7.25
CA PHE B 201 3.46 7.24 -7.08
C PHE B 201 2.84 7.50 -8.45
N ARG B 202 1.55 7.26 -8.60
CA ARG B 202 0.90 7.50 -9.88
C ARG B 202 -0.39 8.32 -9.82
N LYS B 203 -0.67 9.09 -10.90
CA LYS B 203 -1.93 9.85 -10.96
C LYS B 203 -2.44 9.52 -12.35
N VAL B 204 -3.76 9.35 -12.54
CA VAL B 204 -4.25 9.11 -13.85
C VAL B 204 -5.47 10.06 -14.05
N GLU B 205 -5.83 10.27 -15.33
CA GLU B 205 -7.07 10.97 -15.72
C GLU B 205 -7.66 10.19 -16.87
N LEU B 206 -8.98 10.25 -17.00
CA LEU B 206 -9.63 9.55 -18.08
C LEU B 206 -10.84 10.38 -18.54
N LYS B 207 -10.84 10.75 -19.81
CA LYS B 207 -12.09 11.23 -20.44
C LYS B 207 -12.64 10.08 -21.24
N HIS B 208 -13.94 9.96 -21.29
CA HIS B 208 -14.54 8.86 -21.97
C HIS B 208 -15.97 9.10 -22.42
N THR B 209 -16.32 8.34 -23.43
CA THR B 209 -17.69 8.15 -23.85
C THR B 209 -18.00 6.65 -23.81
N LYS B 210 -19.16 6.26 -24.33
CA LYS B 210 -19.48 4.87 -24.45
C LYS B 210 -18.58 4.12 -25.44
N THR B 211 -17.91 4.83 -26.35
CA THR B 211 -17.07 4.11 -27.35
C THR B 211 -15.63 4.52 -27.41
N GLU B 212 -15.24 5.58 -26.73
CA GLU B 212 -13.87 6.07 -26.81
C GLU B 212 -13.26 6.50 -25.48
N LEU B 213 -11.97 6.31 -25.32
CA LEU B 213 -11.28 6.66 -24.05
C LEU B 213 -10.09 7.53 -24.40
N ASN B 214 -9.84 8.55 -23.57
CA ASN B 214 -8.62 9.35 -23.66
C ASN B 214 -7.99 9.35 -22.29
N PHE B 215 -6.88 8.64 -22.16
CA PHE B 215 -6.26 8.32 -20.83
C PHE B 215 -4.91 9.07 -20.70
N LYS B 216 -4.55 9.48 -19.50
CA LYS B 216 -3.28 10.10 -19.24
C LYS B 216 -2.76 9.58 -17.89
N GLN B 217 -1.46 9.46 -17.73
CA GLN B 217 -0.98 8.94 -16.46
C GLN B 217 0.41 9.60 -16.22
N TRP B 218 0.69 9.94 -14.94
CA TRP B 218 1.94 10.40 -14.54
C TRP B 218 2.44 9.38 -13.54
N GLN B 219 3.76 9.22 -13.46
CA GLN B 219 4.35 8.16 -12.61
C GLN B 219 5.69 8.61 -12.08
N LYS B 220 6.02 8.23 -10.83
CA LYS B 220 7.32 8.58 -10.31
C LYS B 220 7.73 7.58 -9.25
N ALA B 221 8.84 6.90 -9.49
CA ALA B 221 9.30 5.88 -8.57
C ALA B 221 10.03 6.57 -7.43
N PHE B 222 10.02 5.93 -6.23
CA PHE B 222 10.71 6.53 -5.08
C PHE B 222 11.01 5.42 -4.12
N GLN B 223 12.19 5.52 -3.49
CA GLN B 223 12.48 4.67 -2.33
C GLN B 223 12.21 5.30 -1.01
N ASP B 224 12.12 6.63 -0.97
CA ASP B 224 11.98 7.34 0.25
C ASP B 224 11.33 8.65 -0.21
N ILE B 225 10.78 9.43 0.70
CA ILE B 225 10.32 10.77 0.27
C ILE B 225 11.24 11.92 0.82
N ALA B 226 11.03 13.15 0.31
CA ALA B 226 11.65 14.41 0.88
C ALA B 226 11.15 14.77 2.30
C1 GOL C . 1.50 -13.39 0.05
O1 GOL C . 0.70 -12.35 0.59
C2 GOL C . 2.92 -12.80 -0.11
O2 GOL C . 3.05 -11.63 -0.95
C3 GOL C . 3.91 -13.94 -0.33
O3 GOL C . 5.19 -13.41 -0.79
#